data_4ENN
#
_entry.id   4ENN
#
_cell.length_a   85.154
_cell.length_b   85.154
_cell.length_c   150.715
_cell.angle_alpha   90.00
_cell.angle_beta   90.00
_cell.angle_gamma   90.00
#
_symmetry.space_group_name_H-M   'P 41 21 2'
#
loop_
_entity.id
_entity.type
_entity.pdbx_description
1 polymer 'Alkyltransferase-like protein 1'
2 polymer "RNA (5'-R(*GP*CP*CP*AP*TP*GP*(C6G)P*CP*TP*AP*GP*TP*A)-3')"
#
loop_
_entity_poly.entity_id
_entity_poly.type
_entity_poly.pdbx_seq_one_letter_code
_entity_poly.pdbx_strand_id
1 'polypeptide(L)'
;MRMDEFYTKVYDAVCEIPYGKVSTYGEIARYVGMPSYARQVGQAMKHLHPETHVPWHRVINSRGTISKRDISAGEQRQKD
RLEEEGVEIYQTSLGEYKLNLPEYMWKPGSHHHHHH
;
A,B
2 'polydeoxyribonucleotide' (DG)(DC)(DC)(DA)(DT)(DG)(C6G)(DC)(DT)(DA)(DG)(DT)(DA) C,D,E,F
#
loop_
_chem_comp.id
_chem_comp.type
_chem_comp.name
_chem_comp.formula
C6G DNA linking 6-(carboxymethoxy)-9-(2-deoxy-5-O-phosphono-beta-D-erythro-pentofuranosyl)-9H-purin-2-amine 'C12 H16 N5 O9 P'
DA DNA linking 2'-DEOXYADENOSINE-5'-MONOPHOSPHATE 'C10 H14 N5 O6 P'
DC DNA linking 2'-DEOXYCYTIDINE-5'-MONOPHOSPHATE 'C9 H14 N3 O7 P'
DG DNA linking 2'-DEOXYGUANOSINE-5'-MONOPHOSPHATE 'C10 H14 N5 O7 P'
DT DNA linking THYMIDINE-5'-MONOPHOSPHATE 'C10 H15 N2 O8 P'
#
# COMPACT_ATOMS: atom_id res chain seq x y z
N MET A 1 -12.49 -0.17 -6.39
CA MET A 1 -11.22 -0.55 -5.78
C MET A 1 -10.54 0.65 -5.16
N ARG A 2 -9.97 0.47 -3.98
CA ARG A 2 -9.23 1.54 -3.34
C ARG A 2 -7.76 1.51 -3.73
N MET A 3 -7.12 2.69 -3.77
CA MET A 3 -5.68 2.78 -3.79
C MET A 3 -5.18 1.74 -2.78
N ASP A 4 -3.87 1.55 -2.65
CA ASP A 4 -3.31 0.58 -1.68
C ASP A 4 -3.57 -0.88 -2.01
N GLU A 5 -4.71 -1.12 -2.68
CA GLU A 5 -5.02 -2.39 -3.31
C GLU A 5 -4.39 -2.34 -4.69
N PHE A 6 -4.89 -1.39 -5.45
CA PHE A 6 -4.32 -1.02 -6.73
C PHE A 6 -2.83 -1.25 -6.68
N TYR A 7 -2.15 -0.47 -5.85
CA TYR A 7 -0.73 -0.64 -5.65
C TYR A 7 -0.33 -2.12 -5.61
N THR A 8 -0.80 -2.85 -4.60
CA THR A 8 -0.52 -4.27 -4.47
C THR A 8 -0.70 -5.04 -5.80
N LYS A 9 -1.72 -4.67 -6.58
CA LYS A 9 -2.03 -5.34 -7.84
C LYS A 9 -1.01 -5.01 -8.92
N VAL A 10 -0.70 -3.72 -9.02
CA VAL A 10 0.43 -3.26 -9.82
C VAL A 10 1.67 -4.06 -9.48
N TYR A 11 2.26 -3.79 -8.32
CA TYR A 11 3.48 -4.47 -7.95
C TYR A 11 3.46 -5.96 -8.28
N ASP A 12 2.29 -6.59 -8.10
CA ASP A 12 2.09 -7.98 -8.47
C ASP A 12 2.38 -8.10 -9.96
N ALA A 13 1.64 -7.37 -10.79
CA ALA A 13 1.83 -7.42 -12.21
C ALA A 13 3.28 -7.08 -12.55
N VAL A 14 3.82 -6.01 -11.98
CA VAL A 14 5.21 -5.69 -12.29
C VAL A 14 6.17 -6.82 -11.91
N CYS A 15 5.94 -7.46 -10.77
CA CYS A 15 6.77 -8.60 -10.37
C CYS A 15 6.67 -9.78 -11.35
N GLU A 16 5.73 -9.69 -12.31
CA GLU A 16 5.44 -10.78 -13.26
C GLU A 16 6.15 -10.65 -14.61
N ILE A 17 6.59 -9.44 -14.96
CA ILE A 17 7.28 -9.17 -16.23
C ILE A 17 8.59 -9.95 -16.30
N PRO A 18 8.75 -10.75 -17.35
CA PRO A 18 9.88 -11.69 -17.40
C PRO A 18 11.23 -11.00 -17.38
N TYR A 19 12.24 -11.66 -16.82
CA TYR A 19 13.62 -11.20 -16.97
C TYR A 19 13.91 -10.83 -18.43
N GLY A 20 14.39 -9.61 -18.64
CA GLY A 20 14.79 -9.17 -19.96
C GLY A 20 13.64 -8.82 -20.89
N LYS A 21 12.41 -8.76 -20.37
CA LYS A 21 11.33 -8.15 -21.12
C LYS A 21 11.00 -6.85 -20.42
N VAL A 22 9.95 -6.17 -20.88
CA VAL A 22 9.51 -4.91 -20.26
C VAL A 22 8.01 -4.65 -20.47
N SER A 23 7.43 -3.70 -19.75
CA SER A 23 6.11 -3.24 -20.13
C SER A 23 5.97 -1.73 -19.95
N THR A 24 4.77 -1.22 -20.19
CA THR A 24 4.56 0.21 -20.10
C THR A 24 3.50 0.54 -19.09
N TYR A 25 3.70 1.64 -18.37
CA TYR A 25 2.69 2.23 -17.49
C TYR A 25 1.31 1.96 -18.03
N GLY A 26 1.08 2.38 -19.26
CA GLY A 26 -0.19 2.17 -19.92
C GLY A 26 -0.72 0.74 -19.90
N GLU A 27 0.11 -0.21 -20.31
CA GLU A 27 -0.25 -1.64 -20.36
C GLU A 27 -0.65 -2.17 -18.97
N ILE A 28 0.29 -2.09 -18.04
CA ILE A 28 0.07 -2.48 -16.66
C ILE A 28 -1.29 -1.99 -16.21
N ALA A 29 -1.43 -0.67 -16.21
CA ALA A 29 -2.69 -0.01 -15.87
C ALA A 29 -3.88 -0.79 -16.44
N ARG A 30 -3.84 -1.13 -17.72
CA ARG A 30 -4.93 -1.87 -18.30
C ARG A 30 -4.92 -3.30 -17.80
N TYR A 31 -3.72 -3.84 -17.61
CA TYR A 31 -3.59 -5.20 -17.10
C TYR A 31 -4.44 -5.41 -15.86
N VAL A 32 -4.16 -4.62 -14.82
CA VAL A 32 -4.85 -4.73 -13.55
C VAL A 32 -6.28 -4.18 -13.62
N GLY A 33 -6.76 -3.83 -14.81
CA GLY A 33 -8.17 -3.50 -14.96
C GLY A 33 -8.56 -2.06 -14.80
N MET A 34 -7.59 -1.16 -14.88
CA MET A 34 -7.87 0.27 -14.80
C MET A 34 -7.09 1.01 -15.88
N PRO A 35 -7.52 0.90 -17.13
CA PRO A 35 -6.73 1.42 -18.26
C PRO A 35 -6.43 2.91 -18.14
N SER A 36 -7.34 3.65 -17.53
CA SER A 36 -7.24 5.09 -17.40
C SER A 36 -6.14 5.54 -16.44
N TYR A 37 -5.46 4.59 -15.81
CA TYR A 37 -4.58 4.88 -14.68
C TYR A 37 -3.07 4.77 -14.91
N ALA A 38 -2.62 5.01 -16.15
CA ALA A 38 -1.20 5.05 -16.45
C ALA A 38 -0.43 5.84 -15.38
N ARG A 39 -0.71 7.14 -15.32
CA ARG A 39 0.08 8.06 -14.54
C ARG A 39 0.33 7.54 -13.15
N GLN A 40 -0.63 6.79 -12.62
CA GLN A 40 -0.63 6.37 -11.22
C GLN A 40 0.31 5.21 -11.08
N VAL A 41 0.29 4.32 -12.06
CA VAL A 41 1.25 3.26 -12.11
C VAL A 41 2.58 3.96 -12.09
N GLY A 42 2.60 5.11 -12.72
CA GLY A 42 3.82 5.88 -12.73
C GLY A 42 4.24 6.10 -11.31
N GLN A 43 3.27 6.53 -10.52
CA GLN A 43 3.58 6.98 -9.18
C GLN A 43 3.80 5.77 -8.27
N ALA A 44 2.98 4.74 -8.41
CA ALA A 44 3.28 3.50 -7.72
C ALA A 44 4.77 3.18 -7.83
N MET A 45 5.31 3.19 -9.05
CA MET A 45 6.75 2.96 -9.25
C MET A 45 7.57 3.98 -8.49
N LYS A 46 7.14 5.24 -8.54
CA LYS A 46 7.91 6.30 -7.92
C LYS A 46 8.18 6.03 -6.46
N HIS A 47 7.18 5.48 -5.75
CA HIS A 47 7.19 5.43 -4.29
C HIS A 47 7.97 4.27 -3.71
N LEU A 48 8.12 3.21 -4.48
CA LEU A 48 8.94 2.08 -4.05
C LEU A 48 10.28 2.53 -3.44
N HIS A 49 10.75 1.77 -2.44
CA HIS A 49 12.05 2.02 -1.82
C HIS A 49 13.10 1.23 -2.57
N PRO A 50 14.36 1.73 -2.58
CA PRO A 50 15.49 1.09 -3.27
C PRO A 50 15.58 -0.40 -3.00
N GLU A 51 15.40 -0.77 -1.73
CA GLU A 51 15.62 -2.16 -1.31
C GLU A 51 14.59 -3.13 -1.93
N THR A 52 13.62 -2.57 -2.64
CA THR A 52 12.55 -3.38 -3.22
C THR A 52 13.09 -4.51 -4.06
N HIS A 53 12.32 -5.59 -4.16
CA HIS A 53 12.65 -6.66 -5.11
C HIS A 53 11.58 -6.70 -6.19
N VAL A 54 10.98 -5.53 -6.39
CA VAL A 54 9.98 -5.35 -7.41
C VAL A 54 10.67 -4.70 -8.59
N PRO A 55 10.46 -5.28 -9.77
CA PRO A 55 11.09 -4.97 -11.07
C PRO A 55 10.60 -3.66 -11.66
N TRP A 56 10.81 -2.55 -10.98
CA TRP A 56 10.35 -1.27 -11.49
C TRP A 56 11.13 -0.79 -12.71
N HIS A 57 12.36 -1.25 -12.86
CA HIS A 57 13.15 -0.87 -14.04
C HIS A 57 12.55 -1.44 -15.34
N ARG A 58 11.70 -2.45 -15.24
CA ARG A 58 11.09 -3.08 -16.40
C ARG A 58 9.85 -2.36 -16.89
N VAL A 59 9.70 -1.11 -16.48
CA VAL A 59 8.52 -0.35 -16.90
C VAL A 59 8.92 1.00 -17.40
N ILE A 60 8.52 1.26 -18.63
CA ILE A 60 8.87 2.48 -19.32
C ILE A 60 7.62 2.92 -20.07
N ASN A 61 7.67 4.11 -20.68
CA ASN A 61 6.48 4.67 -21.32
C ASN A 61 6.14 3.99 -22.62
N SER A 62 5.09 4.44 -23.27
CA SER A 62 4.58 3.78 -24.46
C SER A 62 5.36 4.20 -25.70
N ARG A 63 6.25 5.17 -25.52
CA ARG A 63 7.13 5.58 -26.60
C ARG A 63 8.48 4.90 -26.42
N GLY A 64 8.46 3.65 -25.96
CA GLY A 64 9.69 2.90 -25.75
C GLY A 64 10.90 3.67 -25.23
N THR A 65 10.68 4.77 -24.52
CA THR A 65 11.77 5.48 -23.86
C THR A 65 11.66 5.34 -22.34
N ILE A 66 12.78 5.51 -21.67
CA ILE A 66 12.78 5.64 -20.22
C ILE A 66 12.14 6.98 -19.91
N SER A 67 11.06 6.95 -19.15
CA SER A 67 10.29 8.15 -18.86
C SER A 67 11.22 9.23 -18.35
N LYS A 68 11.05 10.45 -18.86
CA LYS A 68 11.81 11.60 -18.39
C LYS A 68 12.14 11.50 -16.89
N ARG A 69 11.13 11.69 -16.04
CA ARG A 69 11.28 11.53 -14.59
C ARG A 69 12.14 12.63 -13.96
N ASP A 70 11.89 13.86 -14.42
CA ASP A 70 12.70 15.04 -14.07
C ASP A 70 13.39 14.99 -12.69
N ILE A 71 12.59 15.04 -11.63
CA ILE A 71 13.10 15.03 -10.27
C ILE A 71 13.91 13.76 -10.07
N SER A 72 15.15 13.90 -9.62
CA SER A 72 16.00 12.75 -9.36
C SER A 72 16.41 12.08 -10.68
N ALA A 73 17.20 12.78 -11.49
CA ALA A 73 17.65 12.25 -12.78
C ALA A 73 18.51 11.00 -12.62
N GLY A 74 18.61 10.50 -11.38
CA GLY A 74 19.32 9.28 -11.08
C GLY A 74 18.62 8.03 -11.58
N GLU A 75 17.68 8.23 -12.51
CA GLU A 75 17.06 7.14 -13.26
C GLU A 75 18.04 6.54 -14.26
N GLN A 76 19.20 7.17 -14.41
CA GLN A 76 20.30 6.57 -15.14
C GLN A 76 20.31 5.10 -14.75
N ARG A 77 20.14 4.85 -13.46
CA ARG A 77 20.14 3.50 -12.90
C ARG A 77 19.19 2.53 -13.60
N GLN A 78 18.01 3.02 -14.00
CA GLN A 78 17.10 2.17 -14.76
C GLN A 78 17.80 1.62 -16.01
N LYS A 79 18.54 2.48 -16.71
CA LYS A 79 19.33 2.07 -17.88
C LYS A 79 20.27 0.91 -17.57
N ASP A 80 21.19 1.15 -16.65
CA ASP A 80 22.15 0.15 -16.17
C ASP A 80 21.48 -1.21 -16.00
N ARG A 81 20.61 -1.31 -15.00
CA ARG A 81 19.82 -2.50 -14.74
C ARG A 81 19.38 -3.18 -16.03
N LEU A 82 18.70 -2.43 -16.89
CA LEU A 82 18.17 -2.96 -18.13
C LEU A 82 19.23 -3.51 -19.09
N GLU A 83 20.41 -2.89 -19.12
CA GLU A 83 21.48 -3.40 -19.97
C GLU A 83 21.96 -4.74 -19.44
N GLU A 84 22.09 -4.84 -18.12
CA GLU A 84 22.60 -6.05 -17.48
C GLU A 84 21.58 -7.16 -17.55
N GLU A 85 20.37 -6.79 -17.94
CA GLU A 85 19.32 -7.74 -18.26
C GLU A 85 19.48 -8.19 -19.72
N GLY A 86 20.36 -7.53 -20.45
CA GLY A 86 20.64 -7.86 -21.82
C GLY A 86 19.97 -6.89 -22.78
N VAL A 87 18.83 -6.36 -22.34
CA VAL A 87 18.11 -5.38 -23.15
C VAL A 87 19.10 -4.36 -23.71
N GLU A 88 18.85 -3.90 -24.92
CA GLU A 88 19.76 -2.95 -25.53
C GLU A 88 19.18 -1.61 -25.92
N ILE A 89 19.78 -0.58 -25.33
CA ILE A 89 19.32 0.78 -25.46
C ILE A 89 20.40 1.68 -26.02
N TYR A 90 19.96 2.84 -26.50
CA TYR A 90 20.84 3.85 -27.04
C TYR A 90 20.28 5.21 -26.68
N GLN A 91 21.04 6.28 -26.88
CA GLN A 91 20.52 7.63 -26.66
C GLN A 91 19.91 8.20 -27.95
N THR A 92 19.54 9.47 -27.89
CA THR A 92 18.83 10.11 -28.96
C THR A 92 19.43 11.51 -29.04
N SER A 93 19.31 12.16 -30.19
CA SER A 93 19.50 13.61 -30.19
C SER A 93 18.39 14.19 -29.33
N LEU A 94 18.75 15.10 -28.42
CA LEU A 94 17.85 15.54 -27.36
C LEU A 94 18.01 14.62 -26.15
N GLY A 95 19.04 13.78 -26.19
CA GLY A 95 19.38 12.89 -25.09
C GLY A 95 18.44 11.71 -25.00
N GLU A 96 17.92 11.45 -23.80
CA GLU A 96 17.06 10.30 -23.57
C GLU A 96 17.75 8.96 -23.86
N TYR A 97 17.11 7.88 -23.42
CA TYR A 97 17.49 6.53 -23.81
C TYR A 97 16.23 5.84 -24.31
N LYS A 98 16.40 4.81 -25.14
CA LYS A 98 15.29 4.25 -25.90
C LYS A 98 15.63 2.86 -26.42
N LEU A 99 14.61 2.07 -26.70
CA LEU A 99 14.84 0.72 -27.19
C LEU A 99 13.70 0.25 -28.10
N ASN A 100 13.85 -0.97 -28.62
CA ASN A 100 12.93 -1.49 -29.62
C ASN A 100 11.77 -2.20 -28.96
N LEU A 101 10.63 -1.50 -28.89
CA LEU A 101 9.51 -2.01 -28.10
C LEU A 101 8.97 -3.34 -28.61
N PRO A 102 8.56 -3.39 -29.88
CA PRO A 102 8.06 -4.66 -30.41
C PRO A 102 8.90 -5.87 -29.99
N GLU A 103 10.21 -5.72 -29.86
CA GLU A 103 11.03 -6.85 -29.46
C GLU A 103 10.83 -7.13 -28.01
N TYR A 104 11.37 -6.24 -27.20
CA TYR A 104 11.38 -6.41 -25.75
C TYR A 104 10.03 -6.35 -25.04
N MET A 105 9.01 -5.77 -25.68
CA MET A 105 7.69 -5.66 -25.07
C MET A 105 7.18 -7.00 -24.57
N TRP A 106 6.89 -7.07 -23.28
CA TRP A 106 6.23 -8.23 -22.71
C TRP A 106 4.83 -8.39 -23.29
N LYS A 107 4.67 -9.42 -24.11
CA LYS A 107 3.38 -9.71 -24.72
C LYS A 107 2.76 -10.91 -24.04
N PRO A 108 1.99 -10.66 -22.95
CA PRO A 108 1.49 -11.71 -22.05
C PRO A 108 0.38 -12.58 -22.65
N MET B 1 6.19 -12.10 2.57
CA MET B 1 5.23 -11.09 2.18
C MET B 1 5.83 -9.69 2.28
N ARG B 2 5.58 -8.85 1.29
CA ARG B 2 6.04 -7.47 1.37
C ARG B 2 5.00 -6.58 2.02
N MET B 3 5.45 -5.52 2.71
CA MET B 3 4.58 -4.42 3.08
C MET B 3 3.68 -4.13 1.88
N ASP B 4 2.76 -3.17 1.97
CA ASP B 4 1.88 -2.82 0.83
C ASP B 4 0.86 -3.90 0.47
N GLU B 5 1.27 -5.15 0.68
CA GLU B 5 0.39 -6.30 0.61
C GLU B 5 -0.23 -6.42 1.99
N PHE B 6 0.66 -6.61 2.95
CA PHE B 6 0.33 -6.60 4.35
C PHE B 6 -0.78 -5.59 4.55
N TYR B 7 -0.47 -4.32 4.30
CA TYR B 7 -1.45 -3.26 4.39
C TYR B 7 -2.80 -3.70 3.82
N THR B 8 -2.84 -4.01 2.53
CA THR B 8 -4.06 -4.46 1.88
C THR B 8 -4.78 -5.53 2.69
N LYS B 9 -4.01 -6.45 3.28
CA LYS B 9 -4.56 -7.57 4.03
C LYS B 9 -5.18 -7.12 5.35
N VAL B 10 -4.43 -6.29 6.05
CA VAL B 10 -4.93 -5.56 7.21
C VAL B 10 -6.26 -4.89 6.84
N TYR B 11 -6.21 -3.83 6.05
CA TYR B 11 -7.41 -3.11 5.69
C TYR B 11 -8.58 -4.03 5.39
N ASP B 12 -8.28 -5.13 4.69
CA ASP B 12 -9.27 -6.16 4.40
C ASP B 12 -9.83 -6.67 5.70
N ALA B 13 -8.98 -7.22 6.56
CA ALA B 13 -9.41 -7.70 7.87
C ALA B 13 -10.17 -6.61 8.63
N VAL B 14 -9.57 -5.43 8.78
CA VAL B 14 -10.27 -4.36 9.47
C VAL B 14 -11.64 -4.04 8.86
N CYS B 15 -11.75 -4.10 7.53
CA CYS B 15 -13.04 -3.85 6.88
C CYS B 15 -14.05 -4.96 7.20
N GLU B 16 -13.57 -6.03 7.83
CA GLU B 16 -14.42 -7.19 8.20
C GLU B 16 -15.03 -7.16 9.62
N ILE B 17 -14.46 -6.38 10.54
CA ILE B 17 -14.96 -6.29 11.92
C ILE B 17 -16.37 -5.75 11.96
N PRO B 18 -17.29 -6.50 12.55
CA PRO B 18 -18.72 -6.16 12.43
C PRO B 18 -19.05 -4.79 13.02
N TYR B 19 -20.10 -4.14 12.51
CA TYR B 19 -20.62 -2.94 13.15
C TYR B 19 -20.78 -3.19 14.66
N GLY B 20 -20.23 -2.29 15.46
CA GLY B 20 -20.41 -2.34 16.90
C GLY B 20 -19.62 -3.40 17.62
N LYS B 21 -18.74 -4.09 16.92
CA LYS B 21 -17.71 -4.87 17.61
C LYS B 21 -16.38 -4.14 17.42
N VAL B 22 -15.28 -4.79 17.78
CA VAL B 22 -13.95 -4.20 17.70
C VAL B 22 -12.87 -5.28 17.72
N SER B 23 -11.65 -4.92 17.37
CA SER B 23 -10.53 -5.84 17.56
C SER B 23 -9.28 -5.12 18.02
N THR B 24 -8.20 -5.86 18.20
CA THR B 24 -6.97 -5.24 18.63
C THR B 24 -5.86 -5.40 17.60
N TYR B 25 -5.05 -4.37 17.48
CA TYR B 25 -3.80 -4.43 16.76
C TYR B 25 -3.21 -5.84 16.80
N GLY B 26 -3.05 -6.35 18.01
CA GLY B 26 -2.48 -7.67 18.21
C GLY B 26 -3.20 -8.77 17.47
N GLU B 27 -4.53 -8.81 17.60
CA GLU B 27 -5.36 -9.84 16.97
C GLU B 27 -5.25 -9.79 15.45
N ILE B 28 -5.60 -8.65 14.89
CA ILE B 28 -5.49 -8.40 13.45
C ILE B 28 -4.15 -8.93 12.92
N ALA B 29 -3.07 -8.40 13.46
CA ALA B 29 -1.72 -8.88 13.16
C ALA B 29 -1.66 -10.39 13.06
N ARG B 30 -2.18 -11.09 14.06
CA ARG B 30 -2.18 -12.55 14.02
C ARG B 30 -3.18 -13.03 12.98
N TYR B 31 -4.32 -12.36 12.90
CA TYR B 31 -5.32 -12.71 11.90
C TYR B 31 -4.67 -12.90 10.54
N VAL B 32 -4.04 -11.84 10.03
CA VAL B 32 -3.44 -11.87 8.69
C VAL B 32 -2.13 -12.69 8.66
N GLY B 33 -1.82 -13.38 9.75
CA GLY B 33 -0.72 -14.33 9.71
C GLY B 33 0.66 -13.79 10.05
N MET B 34 0.71 -12.66 10.74
CA MET B 34 1.97 -12.09 11.19
C MET B 34 1.81 -11.59 12.63
N PRO B 35 1.74 -12.52 13.57
CA PRO B 35 1.41 -12.15 14.95
C PRO B 35 2.37 -11.11 15.54
N SER B 36 3.63 -11.17 15.14
CA SER B 36 4.66 -10.31 15.66
C SER B 36 4.51 -8.82 15.26
N TYR B 37 3.48 -8.52 14.46
CA TYR B 37 3.37 -7.23 13.78
C TYR B 37 2.27 -6.27 14.26
N ALA B 38 1.94 -6.35 15.54
CA ALA B 38 1.03 -5.41 16.19
C ALA B 38 1.31 -3.97 15.77
N ARG B 39 2.52 -3.52 16.13
CA ARG B 39 2.86 -2.11 16.04
C ARG B 39 2.58 -1.56 14.63
N GLN B 40 2.72 -2.45 13.63
CA GLN B 40 2.67 -2.06 12.23
C GLN B 40 1.22 -1.88 11.83
N VAL B 41 0.40 -2.82 12.27
CA VAL B 41 -1.03 -2.64 12.13
C VAL B 41 -1.35 -1.29 12.71
N GLY B 42 -0.69 -0.97 13.81
CA GLY B 42 -0.83 0.34 14.38
C GLY B 42 -0.62 1.37 13.30
N GLN B 43 0.47 1.21 12.57
CA GLN B 43 0.89 2.25 11.66
C GLN B 43 0.00 2.21 10.43
N ALA B 44 -0.31 1.01 9.96
CA ALA B 44 -1.27 0.88 8.87
C ALA B 44 -2.45 1.79 9.16
N MET B 45 -3.02 1.68 10.36
CA MET B 45 -4.13 2.54 10.74
C MET B 45 -3.73 4.01 10.70
N LYS B 46 -2.54 4.29 11.18
CA LYS B 46 -2.08 5.67 11.25
C LYS B 46 -2.19 6.38 9.91
N HIS B 47 -1.82 5.67 8.85
CA HIS B 47 -1.59 6.27 7.53
C HIS B 47 -2.85 6.53 6.71
N LEU B 48 -3.89 5.77 6.96
CA LEU B 48 -5.17 6.00 6.30
C LEU B 48 -5.54 7.48 6.25
N HIS B 49 -6.20 7.87 5.17
CA HIS B 49 -6.73 9.23 5.05
C HIS B 49 -8.15 9.29 5.64
N PRO B 50 -8.55 10.46 6.12
CA PRO B 50 -9.89 10.69 6.70
C PRO B 50 -11.02 10.12 5.87
N GLU B 51 -10.97 10.34 4.56
CA GLU B 51 -12.06 10.00 3.66
C GLU B 51 -12.25 8.48 3.55
N THR B 52 -11.35 7.73 4.17
CA THR B 52 -11.39 6.27 4.12
C THR B 52 -12.75 5.73 4.52
N HIS B 53 -13.10 4.55 3.98
CA HIS B 53 -14.27 3.84 4.43
C HIS B 53 -13.81 2.56 5.09
N VAL B 54 -12.60 2.61 5.62
CA VAL B 54 -12.05 1.52 6.38
C VAL B 54 -12.27 1.85 7.85
N PRO B 55 -12.81 0.88 8.59
CA PRO B 55 -13.19 0.92 10.00
C PRO B 55 -12.00 0.96 10.92
N TRP B 56 -11.14 1.96 10.81
CA TRP B 56 -10.02 2.08 11.73
C TRP B 56 -10.41 2.36 13.22
N HIS B 57 -11.57 2.97 13.43
CA HIS B 57 -11.98 3.27 14.79
C HIS B 57 -12.27 1.99 15.55
N ARG B 58 -12.48 0.87 14.86
CA ARG B 58 -12.81 -0.39 15.52
C ARG B 58 -11.59 -1.17 15.94
N VAL B 59 -10.45 -0.49 16.02
CA VAL B 59 -9.23 -1.15 16.45
C VAL B 59 -8.57 -0.37 17.57
N ILE B 60 -8.37 -1.07 18.68
CA ILE B 60 -7.80 -0.49 19.88
C ILE B 60 -6.83 -1.52 20.43
N ASN B 61 -6.07 -1.14 21.46
CA ASN B 61 -5.04 -2.03 21.99
C ASN B 61 -5.62 -3.19 22.77
N SER B 62 -4.73 -4.04 23.27
CA SER B 62 -5.13 -5.27 23.94
C SER B 62 -5.55 -5.01 25.38
N ARG B 63 -5.35 -3.78 25.85
CA ARG B 63 -5.82 -3.37 27.17
C ARG B 63 -7.12 -2.61 26.99
N GLY B 64 -7.96 -3.06 26.06
CA GLY B 64 -9.27 -2.45 25.84
C GLY B 64 -9.37 -0.94 26.02
N THR B 65 -8.27 -0.23 25.78
CA THR B 65 -8.30 1.23 25.77
C THR B 65 -8.03 1.73 24.36
N ILE B 66 -8.48 2.95 24.09
CA ILE B 66 -8.10 3.63 22.88
C ILE B 66 -6.63 3.96 23.03
N SER B 67 -5.81 3.48 22.08
CA SER B 67 -4.37 3.65 22.17
C SER B 67 -4.03 5.12 22.37
N LYS B 68 -3.09 5.38 23.28
CA LYS B 68 -2.63 6.74 23.55
C LYS B 68 -2.65 7.59 22.28
N ARG B 69 -1.70 7.30 21.38
CA ARG B 69 -1.63 7.98 20.07
C ARG B 69 -1.22 9.44 20.20
N ASP B 70 -0.21 9.68 21.02
CA ASP B 70 0.24 11.03 21.40
C ASP B 70 0.03 12.11 20.33
N ILE B 71 0.79 12.01 19.24
CA ILE B 71 0.71 12.97 18.16
C ILE B 71 -0.71 13.00 17.64
N SER B 72 -1.29 14.20 17.59
CA SER B 72 -2.64 14.35 17.07
C SER B 72 -3.67 13.73 18.02
N ALA B 73 -3.79 14.32 19.20
CA ALA B 73 -4.72 13.82 20.22
C ALA B 73 -6.18 13.89 19.75
N GLY B 74 -6.37 14.24 18.49
CA GLY B 74 -7.70 14.30 17.89
C GLY B 74 -8.28 12.91 17.63
N GLU B 75 -7.71 11.92 18.31
CA GLU B 75 -8.28 10.58 18.37
C GLU B 75 -9.56 10.57 19.22
N GLN B 76 -9.84 11.69 19.90
CA GLN B 76 -11.14 11.89 20.51
C GLN B 76 -12.16 11.30 19.56
N ARG B 77 -12.01 11.64 18.28
CA ARG B 77 -12.91 11.19 17.22
C ARG B 77 -13.17 9.68 17.23
N GLN B 78 -12.13 8.88 17.49
CA GLN B 78 -12.33 7.44 17.59
C GLN B 78 -13.45 7.15 18.58
N LYS B 79 -13.41 7.79 19.76
CA LYS B 79 -14.46 7.67 20.79
C LYS B 79 -15.86 7.93 20.23
N ASP B 80 -16.08 9.16 19.74
CA ASP B 80 -17.34 9.55 19.15
C ASP B 80 -17.90 8.43 18.28
N ARG B 81 -17.23 8.19 17.16
CA ARG B 81 -17.56 7.09 16.25
C ARG B 81 -18.06 5.87 16.98
N LEU B 82 -17.23 5.37 17.89
CA LEU B 82 -17.55 4.16 18.62
C LEU B 82 -18.82 4.25 19.48
N GLU B 83 -19.10 5.42 20.05
CA GLU B 83 -20.32 5.58 20.87
C GLU B 83 -21.52 5.51 19.94
N GLU B 84 -21.39 6.09 18.75
CA GLU B 84 -22.50 6.16 17.80
C GLU B 84 -22.73 4.79 17.20
N GLU B 85 -21.76 3.92 17.42
CA GLU B 85 -21.86 2.52 17.05
C GLU B 85 -22.58 1.76 18.15
N GLY B 86 -22.80 2.45 19.26
CA GLY B 86 -23.49 1.87 20.40
C GLY B 86 -22.53 1.46 21.48
N VAL B 87 -21.32 1.11 21.09
CA VAL B 87 -20.31 0.69 22.04
C VAL B 87 -20.22 1.72 23.16
N GLU B 88 -19.96 1.24 24.36
CA GLU B 88 -19.96 2.14 25.51
C GLU B 88 -18.66 2.22 26.29
N ILE B 89 -18.15 3.45 26.33
CA ILE B 89 -16.88 3.76 26.92
C ILE B 89 -17.00 4.77 28.04
N TYR B 90 -15.96 4.82 28.87
CA TYR B 90 -15.87 5.76 29.98
C TYR B 90 -14.42 6.18 30.09
N GLN B 91 -14.15 7.22 30.88
CA GLN B 91 -12.76 7.59 31.14
C GLN B 91 -12.20 6.87 32.36
N THR B 92 -10.99 7.25 32.74
CA THR B 92 -10.25 6.60 33.81
C THR B 92 -9.62 7.73 34.61
N SER B 93 -9.30 7.47 35.88
CA SER B 93 -8.32 8.34 36.52
C SER B 93 -6.99 8.20 35.74
N LEU B 94 -6.37 9.32 35.42
CA LEU B 94 -5.27 9.35 34.46
C LEU B 94 -5.79 9.54 33.04
N GLY B 95 -7.08 9.84 32.95
CA GLY B 95 -7.75 10.13 31.69
C GLY B 95 -8.03 8.86 30.92
N GLU B 96 -7.69 8.86 29.62
CA GLU B 96 -7.95 7.74 28.73
C GLU B 96 -9.44 7.44 28.57
N TYR B 97 -9.76 6.60 27.59
CA TYR B 97 -11.09 6.01 27.47
C TYR B 97 -10.92 4.51 27.34
N LYS B 98 -11.96 3.76 27.67
CA LYS B 98 -11.84 2.32 27.86
C LYS B 98 -13.19 1.63 27.83
N LEU B 99 -13.19 0.34 27.48
CA LEU B 99 -14.44 -0.40 27.42
C LEU B 99 -14.25 -1.88 27.73
N ASN B 100 -15.37 -2.60 27.72
CA ASN B 100 -15.38 -3.98 28.19
C ASN B 100 -15.05 -4.89 27.03
N LEU B 101 -13.81 -5.38 27.02
CA LEU B 101 -13.32 -6.14 25.86
C LEU B 101 -14.07 -7.44 25.60
N PRO B 102 -14.14 -8.32 26.62
CA PRO B 102 -14.88 -9.57 26.44
C PRO B 102 -16.22 -9.39 25.74
N GLU B 103 -16.92 -8.29 26.00
CA GLU B 103 -18.21 -8.07 25.36
C GLU B 103 -18.02 -7.74 23.91
N TYR B 104 -17.52 -6.53 23.68
CA TYR B 104 -17.34 -5.95 22.37
C TYR B 104 -16.31 -6.62 21.45
N MET B 105 -15.37 -7.35 22.05
CA MET B 105 -14.34 -8.03 21.25
C MET B 105 -14.93 -8.87 20.13
N TRP B 106 -14.50 -8.58 18.91
CA TRP B 106 -14.86 -9.40 17.77
C TRP B 106 -14.23 -10.77 17.91
N LYS B 107 -15.06 -11.78 18.12
CA LYS B 107 -14.58 -13.14 18.27
C LYS B 107 -14.94 -13.93 17.00
N PRO B 108 -14.06 -13.89 15.97
CA PRO B 108 -14.34 -14.41 14.62
C PRO B 108 -14.41 -15.94 14.54
P C6G C 7 7.14 12.46 -11.69
OP1 C6G C 7 6.74 11.14 -10.94
OP2 C6G C 7 8.49 13.05 -11.20
O5' C6G C 7 7.04 12.15 -13.23
C5' C6G C 7 7.08 10.77 -13.41
C4' C6G C 7 7.38 10.17 -14.65
O4' C6G C 7 8.51 9.33 -14.37
C1' C6G C 7 8.04 8.03 -14.13
N9 C6G C 7 8.68 7.57 -12.94
C8 C6G C 7 9.11 8.33 -11.92
N7 C6G C 7 9.80 7.55 -11.07
C5 C6G C 7 9.82 6.29 -11.57
C4 C6G C 7 9.11 6.31 -12.76
N3 C6G C 7 8.97 5.19 -13.46
C2 C6G C 7 9.52 4.06 -13.00
N2 C6G C 7 9.40 2.87 -13.77
N1 C6G C 7 10.21 3.98 -11.87
C6 C6G C 7 10.37 5.08 -11.13
O6 C6G C 7 11.09 5.00 -9.96
C2' C6G C 7 6.57 8.05 -14.18
C3' C6G C 7 6.32 9.23 -15.00
O3' C6G C 7 6.46 8.86 -16.31
C C6G C 7 11.90 3.56 -8.16
O C6G C 7 11.15 2.73 -7.55
O7 C6G C 7 12.94 3.90 -7.59
CH3 C6G C 7 11.68 3.78 -9.65
P C6G D 7 0.99 19.52 1.22
OP1 C6G D 7 2.52 19.20 1.40
OP2 C6G D 7 0.11 18.95 2.37
O5' C6G D 7 0.80 21.06 1.00
C5' C6G D 7 1.54 21.66 -0.04
C4' C6G D 7 0.91 22.70 -0.79
O4' C6G D 7 -0.29 22.19 -1.43
C1' C6G D 7 -1.40 22.84 -0.87
N9 C6G D 7 -2.47 21.90 -0.72
C8 C6G D 7 -2.47 20.76 -0.01
N7 C6G D 7 -3.65 20.15 -0.18
C5 C6G D 7 -4.40 20.91 -1.01
C4 C6G D 7 -3.65 22.02 -1.36
N3 C6G D 7 -4.15 22.95 -2.19
C2 C6G D 7 -5.38 22.80 -2.67
N2 C6G D 7 -5.87 23.79 -3.56
N1 C6G D 7 -6.16 21.75 -2.37
C6 C6G D 7 -5.69 20.80 -1.53
O6 C6G D 7 -6.51 19.73 -1.23
C2' C6G D 7 -0.97 23.50 0.37
C3' C6G D 7 0.45 23.72 0.18
O3' C6G D 7 0.65 25.00 -0.29
C C6G D 7 -8.75 18.65 -1.32
O C6G D 7 -8.42 17.84 -0.42
O7 C6G D 7 -9.94 18.65 -1.77
CH3 C6G D 7 -7.76 19.64 -1.84
P C6G E 7 2.08 6.76 16.91
OP1 C6G E 7 1.51 6.13 15.60
OP2 C6G E 7 1.78 8.29 17.04
O5' C6G E 7 1.60 5.87 18.13
C5' C6G E 7 0.47 5.15 17.75
C4' C6G E 7 -0.41 4.50 18.65
O4' C6G E 7 -1.70 5.04 18.29
C1' C6G E 7 -2.30 4.15 17.38
N9 C6G E 7 -2.83 4.92 16.27
C8 C6G E 7 -2.33 6.08 15.79
N7 C6G E 7 -3.18 6.57 14.88
C5 C6G E 7 -4.23 5.73 14.80
C4 C6G E 7 -4.03 4.69 15.71
N3 C6G E 7 -4.92 3.71 15.84
C2 C6G E 7 -6.03 3.75 15.10
N2 C6G E 7 -7.00 2.72 15.24
N1 C6G E 7 -6.26 4.73 14.21
C6 C6G E 7 -5.38 5.73 14.04
O6 C6G E 7 -5.66 6.71 13.13
C2' C6G E 7 -1.38 3.05 17.10
C3' C6G E 7 -0.48 3.08 18.26
O3' C6G E 7 -1.08 2.43 19.29
C C6G E 7 -7.11 7.45 11.28
O C6G E 7 -6.78 8.63 11.13
O7 C6G E 7 -7.40 6.79 10.24
CH3 C6G E 7 -6.94 6.72 12.60
P C6G F 7 13.13 11.61 7.01
OP1 C6G F 7 11.96 12.61 7.15
OP2 C6G F 7 13.40 11.24 5.53
O5' C6G F 7 14.37 12.19 7.80
C5' C6G F 7 14.16 12.48 9.16
C4' C6G F 7 15.28 12.32 10.04
O4' C6G F 7 15.64 10.90 10.12
C1' C6G F 7 16.90 10.73 9.53
N9 C6G F 7 16.91 9.51 8.75
C8 C6G F 7 16.22 9.25 7.64
N7 C6G F 7 16.49 8.01 7.23
C5 C6G F 7 17.35 7.47 8.12
C4 C6G F 7 17.62 8.44 9.10
N3 C6G F 7 18.45 8.17 10.10
C2 C6G F 7 19.02 6.96 10.15
N2 C6G F 7 19.90 6.67 11.23
N1 C6G F 7 18.79 6.01 9.23
C6 C6G F 7 17.96 6.23 8.21
O6 C6G F 7 17.73 5.27 7.23
C2' C6G F 7 17.15 11.93 8.70
C3' C6G F 7 16.44 12.99 9.42
O3' C6G F 7 17.27 13.43 10.42
C C6G F 7 17.99 2.96 6.37
O C6G F 7 18.48 1.81 6.50
O7 C6G F 7 17.32 3.27 5.34
CH3 C6G F 7 18.33 4.02 7.37
#